data_9QWF
#
_entry.id   9QWF
#
_cell.length_a   131.270
_cell.length_b   131.270
_cell.length_c   155.235
_cell.angle_alpha   90.000
_cell.angle_beta   90.000
_cell.angle_gamma   120.000
#
_symmetry.space_group_name_H-M   'P 65 2 2'
#
loop_
_entity.id
_entity.type
_entity.pdbx_description
1 polymer Furin
2 non-polymer 'CALCIUM ION'
3 non-polymer 'SODIUM ION'
4 non-polymer 'CHLORIDE ION'
5 non-polymer 'DIMETHYL SULFOXIDE'
6 non-polymer 2-acetamido-2-deoxy-beta-D-glucopyranose
7 non-polymer ~{N}-[[1-[[3-[3,5-bis(chloranyl)phenyl]-5-[(4-piperidin-4-ylpiperidin-1-yl)methyl]phenyl]methyl]piperidin-4-yl]methyl]-2,2,2-tris(fluoranyl)ethanamide
8 water water
#
_entity_poly.entity_id   1
_entity_poly.type   'polypeptide(L)'
_entity_poly.pdbx_seq_one_letter_code
;DVYQEPTDPKFPQQWYLSGVTQRDLNVKAAWAQGYTGHGIVVSILDDGIEKNHPDLAGNYDPGASFDVNDQDPDPQPRYT
QMNDNRHGTRCAGEVAAVANNGVCGVGVAYNARIGGVRMLDGEVTDAVEARSLGLNPNHIHIYSASWGPEDDGKTVDGPA
RLAEEAFFRGVSQGRGGLGSIFVWASGNGGREHDSCNCDGYTNSIYTLSISSATQFGNVPWYSEACSSTLATTYSSGNQN
EKQIVTTDLRQKCTESHTGTSASAPLAAGIIALTLEANKNLTWRDMQHLVVQTSKPAHLNANDWATNGVGRKVSHSYGYG
LLDAGAMVALAQNWTTVAPQRKCIIDILTEPKDIGKRLEVRKTVTACLGEPNHITRLEHAQARLTLSYNRRGDLAIHLVS
PMGTRSTLLAARPHDYSADGFNDWAFMTTHSWDEDPSGEWVLEIENTSEANNYGTLTKFTLVLYGTASGSLVPRGSHHHH
HH
;
_entity_poly.pdbx_strand_id   A
#
loop_
_chem_comp.id
_chem_comp.type
_chem_comp.name
_chem_comp.formula
A1JA5 non-polymer ~{N}-[[1-[[3-[3,5-bis(chloranyl)phenyl]-5-[(4-piperidin-4-ylpiperidin-1-yl)methyl]phenyl]methyl]piperidin-4-yl]methyl]-2,2,2-tris(fluoranyl)ethanamide 'C32 H41 Cl2 F3 N4 O'
CA non-polymer 'CALCIUM ION' 'Ca 2'
CL non-polymer 'CHLORIDE ION' 'Cl -1'
DMS non-polymer 'DIMETHYL SULFOXIDE' 'C2 H6 O S'
NA non-polymer 'SODIUM ION' 'Na 1'
NAG D-saccharide, beta linking 2-acetamido-2-deoxy-beta-D-glucopyranose 'C8 H15 N O6'
#
# COMPACT_ATOMS: atom_id res chain seq x y z
N TYR A 3 -22.03 -16.68 -16.69
CA TYR A 3 -21.52 -16.52 -15.33
C TYR A 3 -22.65 -16.27 -14.35
N GLN A 4 -22.67 -16.99 -13.23
CA GLN A 4 -23.70 -16.82 -12.20
C GLN A 4 -23.07 -16.16 -10.97
N GLU A 5 -23.58 -14.99 -10.61
CA GLU A 5 -23.03 -14.30 -9.48
C GLU A 5 -23.36 -15.03 -8.19
N PRO A 6 -22.60 -14.77 -7.13
CA PRO A 6 -22.79 -15.51 -5.88
C PRO A 6 -24.19 -15.35 -5.32
N THR A 7 -24.63 -16.41 -4.65
CA THR A 7 -25.95 -16.48 -4.03
C THR A 7 -25.91 -16.22 -2.53
N ASP A 8 -24.75 -15.92 -1.98
CA ASP A 8 -24.59 -15.78 -0.54
C ASP A 8 -25.53 -14.70 0.01
N PRO A 9 -26.03 -14.89 1.24
CA PRO A 9 -27.09 -14.00 1.72
C PRO A 9 -26.68 -12.55 1.84
N LYS A 10 -25.42 -12.26 2.14
CA LYS A 10 -24.98 -10.87 2.29
C LYS A 10 -24.23 -10.35 1.07
N PHE A 11 -24.16 -11.13 -0.01
CA PHE A 11 -23.49 -10.63 -1.21
C PHE A 11 -24.15 -9.35 -1.72
N PRO A 12 -25.47 -9.21 -1.71
CA PRO A 12 -26.07 -7.93 -2.12
C PRO A 12 -25.63 -6.75 -1.27
N GLN A 13 -25.23 -7.00 -0.02
CA GLN A 13 -24.75 -5.93 0.85
C GLN A 13 -23.29 -5.60 0.60
N GLN A 14 -22.58 -6.40 -0.20
CA GLN A 14 -21.18 -6.15 -0.55
C GLN A 14 -21.13 -5.22 -1.75
N TRP A 15 -21.54 -3.97 -1.48
CA TRP A 15 -21.78 -2.97 -2.50
C TRP A 15 -20.55 -2.67 -3.33
N TYR A 16 -19.37 -2.86 -2.75
CA TYR A 16 -18.10 -2.56 -3.41
C TYR A 16 -17.69 -3.67 -4.37
N LEU A 17 -18.38 -4.82 -4.33
CA LEU A 17 -18.34 -5.86 -5.36
C LEU A 17 -19.62 -5.92 -6.21
N SER A 18 -20.79 -5.97 -5.58
CA SER A 18 -22.03 -6.30 -6.29
C SER A 18 -22.75 -5.09 -6.88
N GLY A 19 -22.14 -3.91 -6.83
CA GLY A 19 -22.81 -2.72 -7.30
C GLY A 19 -23.15 -2.81 -8.78
N VAL A 20 -24.28 -2.20 -9.15
CA VAL A 20 -24.68 -1.98 -10.54
C VAL A 20 -24.61 -0.50 -10.91
N THR A 21 -23.99 0.32 -10.08
CA THR A 21 -23.99 1.77 -10.24
C THR A 21 -22.62 2.32 -10.63
N GLN A 22 -21.66 1.46 -10.95
CA GLN A 22 -20.30 1.82 -11.35
C GLN A 22 -19.47 2.33 -10.17
N ARG A 23 -20.00 2.34 -8.95
CA ARG A 23 -19.22 2.67 -7.77
C ARG A 23 -18.77 1.38 -7.06
N ASP A 24 -17.96 0.60 -7.76
CA ASP A 24 -17.49 -0.67 -7.22
C ASP A 24 -16.10 -0.97 -7.78
N LEU A 25 -15.54 -2.09 -7.35
CA LEU A 25 -14.19 -2.48 -7.72
C LEU A 25 -14.15 -3.30 -9.01
N ASN A 26 -15.28 -3.46 -9.70
CA ASN A 26 -15.33 -4.14 -10.99
C ASN A 26 -14.79 -5.55 -10.87
N VAL A 27 -15.20 -6.23 -9.79
CA VAL A 27 -14.75 -7.59 -9.52
C VAL A 27 -15.61 -8.60 -10.29
N LYS A 28 -16.90 -8.35 -10.47
CA LYS A 28 -17.72 -9.30 -11.21
C LYS A 28 -17.15 -9.50 -12.61
N ALA A 29 -16.61 -8.44 -13.21
CA ALA A 29 -16.06 -8.57 -14.55
C ALA A 29 -14.90 -9.56 -14.58
N ALA A 30 -14.10 -9.58 -13.51
CA ALA A 30 -12.99 -10.53 -13.44
C ALA A 30 -13.49 -11.96 -13.20
N TRP A 31 -14.45 -12.11 -12.29
CA TRP A 31 -15.07 -13.41 -12.09
C TRP A 31 -15.66 -13.95 -13.39
N ALA A 32 -16.30 -13.08 -14.17
CA ALA A 32 -16.90 -13.52 -15.43
C ALA A 32 -15.85 -13.88 -16.48
N GLN A 33 -14.65 -13.32 -16.39
CA GLN A 33 -13.54 -13.74 -17.24
C GLN A 33 -12.95 -15.06 -16.78
N GLY A 34 -13.46 -15.65 -15.71
CA GLY A 34 -13.01 -16.93 -15.19
C GLY A 34 -12.02 -16.87 -14.03
N TYR A 35 -11.77 -15.70 -13.46
CA TYR A 35 -10.72 -15.53 -12.47
C TYR A 35 -11.35 -15.34 -11.09
N THR A 36 -11.10 -16.29 -10.19
CA THR A 36 -11.66 -16.29 -8.85
C THR A 36 -10.60 -16.54 -7.79
N GLY A 37 -9.34 -16.66 -8.17
CA GLY A 37 -8.25 -16.84 -7.23
C GLY A 37 -7.78 -18.27 -7.08
N HIS A 38 -8.31 -19.20 -7.88
N HIS A 38 -8.33 -19.19 -7.88
CA HIS A 38 -7.88 -20.58 -7.79
CA HIS A 38 -7.87 -20.58 -7.87
C HIS A 38 -6.36 -20.67 -7.92
C HIS A 38 -6.35 -20.64 -7.91
N GLY A 39 -5.75 -21.39 -6.99
CA GLY A 39 -4.32 -21.62 -7.02
C GLY A 39 -3.47 -20.56 -6.36
N ILE A 40 -4.06 -19.46 -5.92
CA ILE A 40 -3.31 -18.37 -5.29
C ILE A 40 -3.45 -18.50 -3.79
N VAL A 41 -2.40 -18.08 -3.07
CA VAL A 41 -2.31 -18.23 -1.63
C VAL A 41 -2.05 -16.85 -1.05
N VAL A 42 -2.92 -16.41 -0.13
CA VAL A 42 -2.83 -15.11 0.52
C VAL A 42 -2.71 -15.32 2.02
N SER A 43 -1.87 -14.51 2.69
CA SER A 43 -1.78 -14.56 4.14
C SER A 43 -2.03 -13.18 4.76
N ILE A 44 -2.83 -13.16 5.82
CA ILE A 44 -3.19 -11.95 6.55
C ILE A 44 -2.28 -11.82 7.77
N LEU A 45 -1.47 -10.76 7.79
N LEU A 45 -1.47 -10.76 7.80
CA LEU A 45 -0.60 -10.48 8.93
CA LEU A 45 -0.60 -10.50 8.95
C LEU A 45 -1.38 -9.64 9.93
C LEU A 45 -1.38 -9.65 9.94
N ASP A 46 -1.83 -10.25 11.03
CA ASP A 46 -2.71 -9.54 11.95
C ASP A 46 -2.79 -10.23 13.31
N ASP A 47 -3.98 -10.30 13.90
CA ASP A 47 -4.17 -10.81 15.26
C ASP A 47 -4.62 -12.27 15.27
N GLY A 48 -4.54 -12.96 14.14
CA GLY A 48 -4.94 -14.35 14.04
C GLY A 48 -6.10 -14.52 13.07
N ILE A 49 -6.43 -15.77 12.81
CA ILE A 49 -7.51 -16.09 11.88
C ILE A 49 -8.33 -17.24 12.45
N GLU A 50 -9.65 -17.07 12.46
CA GLU A 50 -10.55 -18.12 12.94
C GLU A 50 -10.68 -19.14 11.83
N LYS A 51 -9.81 -20.16 11.87
CA LYS A 51 -9.65 -21.04 10.72
C LYS A 51 -10.84 -21.96 10.54
N ASN A 52 -11.66 -22.10 11.57
CA ASN A 52 -12.85 -22.94 11.52
C ASN A 52 -14.10 -22.12 11.23
N HIS A 53 -13.95 -20.86 10.85
CA HIS A 53 -15.12 -20.05 10.50
C HIS A 53 -15.85 -20.71 9.35
N PRO A 54 -17.18 -20.87 9.42
N PRO A 54 -17.18 -20.83 9.40
CA PRO A 54 -17.89 -21.53 8.32
CA PRO A 54 -17.90 -21.52 8.32
C PRO A 54 -17.66 -20.93 6.94
C PRO A 54 -17.73 -20.89 6.95
N ASP A 55 -17.30 -19.64 6.85
CA ASP A 55 -17.04 -19.01 5.56
C ASP A 55 -15.55 -18.93 5.22
N LEU A 56 -14.67 -19.48 6.07
CA LEU A 56 -13.25 -19.54 5.79
C LEU A 56 -12.70 -20.95 5.70
N ALA A 57 -13.28 -21.91 6.43
CA ALA A 57 -12.68 -23.23 6.53
C ALA A 57 -12.41 -23.86 5.17
N GLY A 58 -13.32 -23.70 4.21
CA GLY A 58 -13.17 -24.38 2.93
C GLY A 58 -11.99 -23.87 2.13
N ASN A 59 -11.51 -22.66 2.42
CA ASN A 59 -10.37 -22.09 1.72
C ASN A 59 -9.15 -21.97 2.63
N TYR A 60 -9.27 -22.37 3.89
CA TYR A 60 -8.17 -22.19 4.83
C TYR A 60 -6.96 -23.02 4.46
N ASP A 61 -5.79 -22.42 4.58
CA ASP A 61 -4.53 -23.06 4.21
C ASP A 61 -3.56 -22.98 5.39
N PRO A 62 -3.30 -24.10 6.09
CA PRO A 62 -2.31 -24.04 7.18
C PRO A 62 -0.94 -23.63 6.73
N GLY A 63 -0.59 -23.88 5.47
CA GLY A 63 0.70 -23.49 4.92
C GLY A 63 0.84 -22.00 4.71
N ALA A 64 -0.25 -21.25 4.83
CA ALA A 64 -0.22 -19.81 4.75
C ALA A 64 -0.32 -19.17 6.13
N SER A 65 -0.08 -19.96 7.19
CA SER A 65 -0.39 -19.52 8.53
C SER A 65 0.72 -19.86 9.51
N PHE A 66 0.79 -19.08 10.58
CA PHE A 66 1.70 -19.33 11.69
C PHE A 66 1.30 -18.42 12.85
N ASP A 67 1.71 -18.82 14.04
CA ASP A 67 1.52 -18.01 15.24
C ASP A 67 2.88 -17.58 15.75
N VAL A 68 3.29 -16.37 15.37
CA VAL A 68 4.56 -15.85 15.82
C VAL A 68 4.51 -15.32 17.23
N ASN A 69 3.31 -14.98 17.74
CA ASN A 69 3.22 -14.49 19.11
C ASN A 69 3.46 -15.60 20.12
N ASP A 70 2.91 -16.79 19.90
CA ASP A 70 3.09 -17.91 20.80
C ASP A 70 4.04 -18.98 20.24
N GLN A 71 4.56 -18.78 19.04
CA GLN A 71 5.57 -19.67 18.45
C GLN A 71 4.99 -21.08 18.27
N ASP A 72 3.96 -21.16 17.43
CA ASP A 72 3.34 -22.43 17.08
C ASP A 72 2.67 -22.26 15.74
N PRO A 73 2.19 -23.33 15.12
CA PRO A 73 1.68 -23.22 13.74
C PRO A 73 0.26 -22.73 13.63
N ASP A 74 -0.46 -22.67 14.75
CA ASP A 74 -1.90 -22.51 14.78
C ASP A 74 -2.27 -21.06 15.07
N PRO A 75 -2.80 -20.30 14.08
CA PRO A 75 -3.04 -18.87 14.27
C PRO A 75 -4.40 -18.52 14.88
N GLN A 76 -5.05 -19.50 15.49
CA GLN A 76 -6.37 -19.25 16.05
C GLN A 76 -6.31 -18.03 16.97
N PRO A 77 -7.28 -17.12 16.89
CA PRO A 77 -7.26 -15.93 17.76
C PRO A 77 -7.50 -16.28 19.22
N ARG A 78 -7.01 -15.38 20.07
CA ARG A 78 -7.30 -15.41 21.50
C ARG A 78 -8.67 -14.77 21.73
N TYR A 79 -9.60 -15.54 22.29
CA TYR A 79 -10.97 -15.07 22.49
C TYR A 79 -11.07 -14.34 23.82
N THR A 80 -11.66 -13.15 23.78
CA THR A 80 -11.83 -12.28 24.93
C THR A 80 -13.23 -11.69 24.90
N GLN A 81 -13.67 -11.19 26.06
N GLN A 81 -13.72 -11.19 26.03
CA GLN A 81 -15.00 -10.59 26.20
CA GLN A 81 -15.09 -10.68 26.04
C GLN A 81 -15.22 -9.44 25.22
C GLN A 81 -15.26 -9.39 25.24
N MET A 82 -14.17 -8.71 24.91
CA MET A 82 -14.28 -7.56 24.03
C MET A 82 -14.02 -7.89 22.57
N ASN A 83 -13.78 -9.17 22.26
CA ASN A 83 -13.55 -9.59 20.88
C ASN A 83 -12.45 -8.78 20.22
N ASP A 84 -11.37 -8.57 20.97
CA ASP A 84 -10.21 -7.78 20.53
C ASP A 84 -9.56 -8.32 19.28
N ASN A 85 -9.47 -9.64 19.17
CA ASN A 85 -8.63 -10.28 18.17
C ASN A 85 -9.45 -10.79 17.00
N ARG A 86 -10.35 -9.95 16.52
CA ARG A 86 -11.24 -10.31 15.43
C ARG A 86 -10.78 -9.79 14.09
N HIS A 87 -9.75 -8.94 14.08
CA HIS A 87 -9.51 -8.18 12.86
C HIS A 87 -8.96 -9.05 11.74
N GLY A 88 -8.07 -9.99 12.04
CA GLY A 88 -7.54 -10.85 11.01
C GLY A 88 -8.61 -11.71 10.36
N THR A 89 -9.61 -12.11 11.14
CA THR A 89 -10.72 -12.89 10.60
C THR A 89 -11.55 -12.05 9.65
N ARG A 90 -11.82 -10.80 10.01
CA ARG A 90 -12.49 -9.88 9.10
C ARG A 90 -11.71 -9.71 7.80
N CYS A 91 -10.40 -9.52 7.89
CA CYS A 91 -9.59 -9.31 6.70
C CYS A 91 -9.55 -10.57 5.83
N ALA A 92 -9.42 -11.74 6.47
CA ALA A 92 -9.36 -12.99 5.72
C ALA A 92 -10.59 -13.17 4.85
N GLY A 93 -11.77 -12.87 5.40
CA GLY A 93 -12.99 -13.01 4.64
C GLY A 93 -13.11 -12.04 3.48
N GLU A 94 -12.54 -10.85 3.62
CA GLU A 94 -12.53 -9.90 2.52
C GLU A 94 -11.80 -10.49 1.32
N VAL A 95 -10.70 -11.19 1.58
CA VAL A 95 -9.92 -11.79 0.52
C VAL A 95 -10.62 -13.02 -0.04
N ALA A 96 -11.07 -13.92 0.85
CA ALA A 96 -11.31 -15.29 0.40
C ALA A 96 -12.45 -15.99 1.11
N ALA A 97 -13.44 -15.26 1.61
CA ALA A 97 -14.62 -15.95 2.10
C ALA A 97 -15.22 -16.83 1.01
N VAL A 98 -15.69 -18.02 1.41
CA VAL A 98 -16.23 -19.01 0.49
C VAL A 98 -17.51 -18.47 -0.15
N ALA A 99 -17.71 -18.82 -1.42
CA ALA A 99 -18.86 -18.35 -2.19
C ALA A 99 -19.90 -19.45 -2.34
N ASN A 100 -21.16 -19.04 -2.47
CA ASN A 100 -22.27 -19.94 -2.83
C ASN A 100 -22.49 -21.04 -1.80
N ASN A 101 -22.31 -20.70 -0.52
CA ASN A 101 -22.43 -21.66 0.57
C ASN A 101 -23.47 -21.24 1.62
N GLY A 102 -24.29 -20.23 1.31
CA GLY A 102 -25.34 -19.80 2.20
C GLY A 102 -24.90 -19.08 3.46
N VAL A 103 -23.64 -18.66 3.53
CA VAL A 103 -23.06 -18.04 4.71
C VAL A 103 -22.48 -16.69 4.33
N CYS A 104 -22.84 -15.65 5.09
N CYS A 104 -22.79 -15.66 5.12
CA CYS A 104 -22.29 -14.29 4.96
CA CYS A 104 -22.23 -14.32 4.98
C CYS A 104 -22.18 -13.87 3.50
C CYS A 104 -22.17 -13.89 3.52
N GLY A 105 -21.02 -13.35 3.09
CA GLY A 105 -20.87 -12.92 1.70
C GLY A 105 -19.80 -13.73 1.01
N VAL A 106 -18.98 -13.08 0.18
CA VAL A 106 -17.89 -13.75 -0.53
C VAL A 106 -16.62 -12.92 -0.44
N GLY A 107 -15.50 -13.60 -0.60
CA GLY A 107 -14.24 -12.90 -0.80
C GLY A 107 -14.11 -12.38 -2.22
N VAL A 108 -13.21 -11.40 -2.39
CA VAL A 108 -12.87 -10.96 -3.74
C VAL A 108 -12.32 -12.13 -4.54
N ALA A 109 -11.48 -12.95 -3.91
CA ALA A 109 -10.86 -14.11 -4.55
C ALA A 109 -11.39 -15.34 -3.84
N TYR A 110 -12.66 -15.66 -4.09
CA TYR A 110 -13.37 -16.60 -3.24
C TYR A 110 -12.96 -18.04 -3.49
N ASN A 111 -12.06 -18.29 -4.44
CA ASN A 111 -11.45 -19.62 -4.58
C ASN A 111 -9.97 -19.63 -4.26
N ALA A 112 -9.42 -18.53 -3.76
CA ALA A 112 -8.04 -18.54 -3.29
C ALA A 112 -7.94 -19.28 -1.96
N ARG A 113 -6.73 -19.63 -1.59
CA ARG A 113 -6.44 -20.19 -0.28
C ARG A 113 -5.98 -19.06 0.63
N ILE A 114 -6.36 -19.14 1.89
CA ILE A 114 -6.22 -18.02 2.84
C ILE A 114 -5.65 -18.53 4.14
N GLY A 115 -4.64 -17.83 4.65
CA GLY A 115 -4.12 -18.10 5.98
C GLY A 115 -3.91 -16.79 6.72
N GLY A 116 -3.40 -16.92 7.93
CA GLY A 116 -3.11 -15.74 8.73
C GLY A 116 -1.89 -15.98 9.57
N VAL A 117 -1.15 -14.91 9.83
CA VAL A 117 -0.08 -14.91 10.79
C VAL A 117 -0.58 -14.18 12.02
N ARG A 118 -0.64 -14.89 13.15
CA ARG A 118 -0.94 -14.28 14.43
C ARG A 118 0.36 -13.63 14.91
N MET A 119 0.45 -12.32 14.73
N MET A 119 0.45 -12.32 14.75
CA MET A 119 1.65 -11.57 15.09
CA MET A 119 1.67 -11.60 15.13
C MET A 119 1.37 -10.34 15.94
C MET A 119 1.40 -10.27 15.80
N LEU A 120 0.16 -9.79 15.90
CA LEU A 120 -0.12 -8.55 16.60
C LEU A 120 -0.57 -8.73 18.04
N ASP A 121 -0.83 -9.96 18.47
CA ASP A 121 -1.37 -10.19 19.82
C ASP A 121 -0.24 -10.53 20.78
N GLY A 122 0.58 -9.53 21.03
CA GLY A 122 1.83 -9.69 21.75
C GLY A 122 2.75 -8.56 21.36
N GLU A 123 3.95 -8.60 21.94
CA GLU A 123 4.93 -7.56 21.66
C GLU A 123 5.45 -7.74 20.25
N VAL A 124 5.37 -6.69 19.45
CA VAL A 124 5.78 -6.73 18.06
C VAL A 124 7.21 -6.20 18.02
N THR A 125 8.15 -7.11 17.91
CA THR A 125 9.56 -6.82 17.76
C THR A 125 9.94 -6.90 16.28
N ASP A 126 11.17 -6.46 16.00
CA ASP A 126 11.75 -6.62 14.66
C ASP A 126 11.76 -8.08 14.26
N ALA A 127 12.15 -8.97 15.19
CA ALA A 127 12.18 -10.40 14.88
C ALA A 127 10.80 -10.94 14.56
N VAL A 128 9.78 -10.53 15.32
CA VAL A 128 8.40 -10.95 15.04
C VAL A 128 7.99 -10.51 13.64
N GLU A 129 8.26 -9.25 13.30
CA GLU A 129 7.94 -8.74 11.98
C GLU A 129 8.63 -9.55 10.89
N ALA A 130 9.91 -9.82 11.09
CA ALA A 130 10.69 -10.49 10.05
C ALA A 130 10.20 -11.93 9.84
N ARG A 131 9.87 -12.61 10.93
CA ARG A 131 9.39 -13.97 10.83
C ARG A 131 8.01 -14.03 10.20
N SER A 132 7.24 -12.94 10.27
CA SER A 132 5.91 -12.89 9.66
C SER A 132 5.99 -12.57 8.18
N LEU A 133 6.74 -11.53 7.83
CA LEU A 133 6.95 -11.17 6.42
C LEU A 133 7.62 -12.28 5.66
N GLY A 134 8.45 -13.07 6.34
CA GLY A 134 9.18 -14.14 5.70
C GLY A 134 8.57 -15.52 5.84
N LEU A 135 7.30 -15.59 6.24
CA LEU A 135 6.64 -16.88 6.38
C LEU A 135 6.51 -17.56 5.02
N ASN A 136 7.02 -18.78 4.91
CA ASN A 136 6.76 -19.69 3.79
C ASN A 136 6.69 -18.95 2.44
N PRO A 137 7.79 -18.26 2.06
CA PRO A 137 7.73 -17.35 0.91
C PRO A 137 7.73 -18.04 -0.44
N ASN A 138 7.88 -19.36 -0.49
CA ASN A 138 7.66 -20.08 -1.73
C ASN A 138 6.34 -20.79 -1.76
N HIS A 139 5.48 -20.55 -0.77
CA HIS A 139 4.12 -21.04 -0.79
C HIS A 139 3.11 -19.91 -0.83
N ILE A 140 3.29 -18.90 0.04
CA ILE A 140 2.42 -17.73 0.06
C ILE A 140 2.80 -16.82 -1.10
N HIS A 141 1.80 -16.34 -1.84
CA HIS A 141 2.04 -15.44 -2.95
C HIS A 141 1.95 -14.00 -2.52
N ILE A 142 0.95 -13.70 -1.69
CA ILE A 142 0.55 -12.34 -1.36
C ILE A 142 0.36 -12.25 0.15
N TYR A 143 0.95 -11.21 0.74
CA TYR A 143 0.81 -10.88 2.14
C TYR A 143 0.02 -9.60 2.26
N SER A 144 -0.92 -9.57 3.20
CA SER A 144 -1.76 -8.39 3.42
C SER A 144 -1.53 -7.91 4.83
N ALA A 145 -1.16 -6.64 4.97
CA ALA A 145 -0.90 -6.06 6.27
C ALA A 145 -1.63 -4.74 6.40
N SER A 146 -2.42 -4.60 7.45
CA SER A 146 -3.31 -3.47 7.59
C SER A 146 -2.84 -2.43 8.59
N TRP A 147 -1.65 -2.62 9.17
CA TRP A 147 -1.21 -1.84 10.32
C TRP A 147 0.29 -1.57 10.21
N GLY A 148 0.75 -0.67 11.06
CA GLY A 148 2.15 -0.30 11.10
C GLY A 148 2.44 0.47 12.36
N PRO A 149 3.38 1.41 12.28
CA PRO A 149 3.67 2.23 13.45
C PRO A 149 2.43 3.02 13.85
N GLU A 150 2.43 3.47 15.09
CA GLU A 150 1.27 4.17 15.63
C GLU A 150 0.86 5.33 14.74
N ASP A 151 -0.44 5.40 14.46
CA ASP A 151 -1.01 6.48 13.65
C ASP A 151 -1.35 7.68 14.51
N ASP A 152 -0.43 8.14 15.34
CA ASP A 152 -0.70 9.26 16.23
C ASP A 152 -0.34 10.60 15.62
N GLY A 153 0.22 10.62 14.41
CA GLY A 153 0.59 11.87 13.79
C GLY A 153 1.87 12.45 14.32
N LYS A 154 2.61 11.69 15.11
CA LYS A 154 3.89 12.18 15.60
C LYS A 154 4.99 11.14 15.52
N THR A 155 4.73 9.96 15.01
CA THR A 155 5.73 8.91 14.93
C THR A 155 6.37 8.90 13.56
N VAL A 156 7.69 8.71 13.53
CA VAL A 156 8.41 8.36 12.31
C VAL A 156 9.09 7.04 12.60
N ASP A 157 8.66 5.98 11.94
CA ASP A 157 9.26 4.67 12.16
C ASP A 157 8.95 3.76 10.99
N GLY A 158 9.73 2.70 10.90
CA GLY A 158 9.66 1.79 9.80
C GLY A 158 10.34 0.50 10.16
N PRO A 159 10.47 -0.39 9.21
CA PRO A 159 11.09 -1.69 9.51
C PRO A 159 12.52 -1.51 9.99
N ALA A 160 12.85 -2.19 11.08
CA ALA A 160 14.22 -2.29 11.55
C ALA A 160 14.94 -3.34 10.71
N ARG A 161 16.15 -3.74 11.13
CA ARG A 161 17.03 -4.43 10.21
C ARG A 161 16.46 -5.79 9.77
N LEU A 162 15.98 -6.61 10.70
CA LEU A 162 15.50 -7.93 10.28
C LEU A 162 14.29 -7.82 9.35
N ALA A 163 13.38 -6.90 9.65
CA ALA A 163 12.20 -6.75 8.81
C ALA A 163 12.55 -6.20 7.42
N GLU A 164 13.48 -5.25 7.35
CA GLU A 164 13.91 -4.77 6.04
C GLU A 164 14.58 -5.88 5.24
N GLU A 165 15.39 -6.71 5.91
CA GLU A 165 15.98 -7.86 5.23
C GLU A 165 14.90 -8.82 4.76
N ALA A 166 13.82 -8.96 5.53
CA ALA A 166 12.74 -9.83 5.10
C ALA A 166 12.06 -9.29 3.85
N PHE A 167 11.88 -7.96 3.77
CA PHE A 167 11.36 -7.37 2.54
C PHE A 167 12.29 -7.66 1.35
N PHE A 168 13.61 -7.48 1.51
N PHE A 168 13.60 -7.39 1.55
CA PHE A 168 14.48 -7.66 0.33
CA PHE A 168 14.63 -7.64 0.54
C PHE A 168 14.59 -9.13 -0.03
C PHE A 168 14.54 -9.07 0.03
N ARG A 169 14.62 -10.02 0.97
CA ARG A 169 14.61 -11.44 0.64
C ARG A 169 13.31 -11.83 -0.03
N GLY A 170 12.19 -11.28 0.47
CA GLY A 170 10.89 -11.60 -0.13
C GLY A 170 10.79 -11.19 -1.59
N VAL A 171 11.14 -9.95 -1.90
CA VAL A 171 10.96 -9.51 -3.28
C VAL A 171 12.02 -10.11 -4.18
N SER A 172 13.16 -10.52 -3.63
CA SER A 172 14.26 -11.02 -4.46
C SER A 172 14.14 -12.51 -4.72
N GLN A 173 13.96 -13.31 -3.68
CA GLN A 173 13.92 -14.76 -3.81
C GLN A 173 12.54 -15.36 -3.57
N GLY A 174 11.63 -14.65 -2.91
CA GLY A 174 10.29 -15.15 -2.72
C GLY A 174 9.58 -15.47 -4.03
N ARG A 175 8.60 -16.35 -3.93
CA ARG A 175 7.75 -16.72 -5.05
C ARG A 175 8.58 -17.15 -6.25
N GLY A 176 9.56 -18.02 -5.99
CA GLY A 176 10.35 -18.55 -7.08
C GLY A 176 11.20 -17.52 -7.78
N GLY A 177 11.54 -16.44 -7.10
CA GLY A 177 12.31 -15.37 -7.70
C GLY A 177 11.49 -14.26 -8.34
N LEU A 178 10.17 -14.42 -8.40
CA LEU A 178 9.30 -13.36 -8.89
C LEU A 178 9.03 -12.30 -7.84
N GLY A 179 9.16 -12.65 -6.56
CA GLY A 179 9.01 -11.71 -5.47
C GLY A 179 7.66 -11.77 -4.77
N SER A 180 7.71 -11.91 -3.44
CA SER A 180 6.51 -11.78 -2.62
C SER A 180 5.83 -10.45 -2.94
N ILE A 181 4.51 -10.48 -2.95
CA ILE A 181 3.71 -9.28 -3.09
C ILE A 181 3.22 -8.88 -1.71
N PHE A 182 3.71 -7.75 -1.21
CA PHE A 182 3.32 -7.22 0.09
C PHE A 182 2.33 -6.07 -0.12
N VAL A 183 1.08 -6.28 0.29
CA VAL A 183 0.03 -5.27 0.18
C VAL A 183 -0.12 -4.62 1.54
N TRP A 184 -0.13 -3.28 1.56
CA TRP A 184 -0.14 -2.53 2.80
C TRP A 184 -1.20 -1.46 2.80
N ALA A 185 -1.82 -1.28 3.96
CA ALA A 185 -2.70 -0.15 4.19
C ALA A 185 -1.89 1.11 4.51
N SER A 186 -2.28 2.21 3.90
CA SER A 186 -1.48 3.42 4.07
C SER A 186 -1.69 4.10 5.42
N GLY A 187 -2.71 3.72 6.19
CA GLY A 187 -2.81 4.22 7.56
C GLY A 187 -4.19 4.73 7.94
N ASN A 188 -4.46 4.83 9.25
CA ASN A 188 -5.74 5.30 9.77
C ASN A 188 -5.62 6.61 10.53
N GLY A 189 -4.53 7.34 10.35
CA GLY A 189 -4.22 8.50 11.16
C GLY A 189 -4.77 9.85 10.72
N GLY A 190 -5.80 9.84 9.86
CA GLY A 190 -6.33 11.08 9.33
C GLY A 190 -6.74 12.10 10.38
N ARG A 191 -7.36 11.66 11.45
CA ARG A 191 -7.84 12.68 12.38
C ARG A 191 -6.71 13.27 13.20
N GLU A 192 -5.56 12.61 13.22
CA GLU A 192 -4.35 13.14 13.82
C GLU A 192 -3.48 13.87 12.82
N HIS A 193 -4.00 14.13 11.61
CA HIS A 193 -3.24 14.80 10.56
C HIS A 193 -1.96 14.05 10.24
N ASP A 194 -1.99 12.72 10.35
CA ASP A 194 -0.80 11.94 10.01
C ASP A 194 -0.54 12.00 8.51
N SER A 195 0.72 11.80 8.15
CA SER A 195 1.24 11.96 6.79
C SER A 195 2.00 10.66 6.53
N CYS A 196 1.52 9.81 5.63
CA CYS A 196 1.90 8.40 5.71
C CYS A 196 3.30 8.07 5.16
N ASN A 197 4.05 9.03 4.58
CA ASN A 197 5.43 8.66 4.30
C ASN A 197 6.27 8.52 5.57
N CYS A 198 5.76 8.95 6.72
CA CYS A 198 6.40 8.74 8.02
C CYS A 198 6.22 7.34 8.55
N ASP A 199 5.53 6.47 7.80
CA ASP A 199 5.36 5.04 8.10
C ASP A 199 6.19 4.29 7.08
N GLY A 200 7.32 3.73 7.53
CA GLY A 200 8.29 3.13 6.63
C GLY A 200 7.84 1.84 5.98
N TYR A 201 6.73 1.26 6.47
CA TYR A 201 6.19 0.07 5.83
C TYR A 201 5.43 0.46 4.57
N THR A 202 4.49 1.39 4.69
CA THR A 202 3.75 1.81 3.51
C THR A 202 4.63 2.65 2.59
N ASN A 203 5.59 3.38 3.14
CA ASN A 203 6.51 4.19 2.35
C ASN A 203 7.54 3.37 1.57
N SER A 204 7.63 2.06 1.83
CA SER A 204 8.56 1.19 1.14
C SER A 204 8.19 1.00 -0.32
N ILE A 205 9.20 0.89 -1.18
CA ILE A 205 8.92 0.50 -2.55
C ILE A 205 8.46 -0.96 -2.65
N TYR A 206 8.76 -1.78 -1.63
CA TYR A 206 8.47 -3.21 -1.70
C TYR A 206 7.03 -3.51 -1.32
N THR A 207 6.30 -2.53 -0.81
CA THR A 207 4.91 -2.72 -0.45
C THR A 207 4.05 -1.99 -1.46
N LEU A 208 2.92 -2.62 -1.79
CA LEU A 208 1.96 -2.07 -2.72
C LEU A 208 0.88 -1.42 -1.86
N SER A 209 0.94 -0.11 -1.73
CA SER A 209 0.20 0.60 -0.69
C SER A 209 -1.13 1.15 -1.17
N ILE A 210 -2.13 1.03 -0.30
CA ILE A 210 -3.54 1.20 -0.63
C ILE A 210 -4.21 2.13 0.39
N SER A 211 -4.95 3.11 -0.11
CA SER A 211 -5.78 3.99 0.69
C SER A 211 -7.26 3.70 0.42
N SER A 212 -8.12 4.54 1.01
CA SER A 212 -9.57 4.31 1.02
C SER A 212 -10.36 5.43 0.38
N ALA A 213 -11.53 5.05 -0.13
CA ALA A 213 -12.57 5.99 -0.52
C ALA A 213 -13.88 5.56 0.13
N THR A 214 -14.70 6.54 0.48
CA THR A 214 -16.02 6.25 1.03
C THR A 214 -16.98 5.90 -0.10
N GLN A 215 -18.16 5.39 0.29
CA GLN A 215 -19.11 4.93 -0.71
C GLN A 215 -19.48 6.04 -1.68
N PHE A 216 -19.60 7.28 -1.19
CA PHE A 216 -19.99 8.39 -2.04
C PHE A 216 -18.78 9.02 -2.74
N GLY A 217 -17.62 8.40 -2.65
CA GLY A 217 -16.46 8.84 -3.39
C GLY A 217 -15.62 9.90 -2.73
N ASN A 218 -15.61 9.96 -1.41
CA ASN A 218 -14.86 10.98 -0.70
C ASN A 218 -13.70 10.40 0.09
N VAL A 219 -12.82 11.30 0.53
CA VAL A 219 -11.67 10.93 1.34
C VAL A 219 -12.16 10.73 2.78
N PRO A 220 -12.09 9.53 3.33
CA PRO A 220 -12.64 9.29 4.66
C PRO A 220 -11.88 10.06 5.73
N TRP A 221 -12.56 10.25 6.86
CA TRP A 221 -11.96 10.96 7.97
C TRP A 221 -10.62 10.37 8.39
N TYR A 222 -10.45 9.05 8.26
CA TYR A 222 -9.27 8.36 8.77
C TYR A 222 -8.10 8.32 7.78
N SER A 223 -8.29 8.80 6.57
CA SER A 223 -7.27 8.65 5.54
C SER A 223 -6.03 9.50 5.82
N GLU A 224 -4.88 8.96 5.45
CA GLU A 224 -3.62 9.69 5.42
C GLU A 224 -3.24 9.92 3.98
N ALA A 225 -2.85 11.15 3.67
CA ALA A 225 -2.32 11.46 2.35
C ALA A 225 -0.82 11.27 2.34
N CYS A 226 -0.29 10.70 1.26
CA CYS A 226 1.15 10.70 1.05
C CYS A 226 1.46 10.28 -0.37
N SER A 227 2.69 10.57 -0.77
CA SER A 227 3.12 10.31 -2.13
C SER A 227 3.48 8.85 -2.36
N SER A 228 3.66 8.06 -1.30
CA SER A 228 4.00 6.65 -1.49
C SER A 228 2.81 5.78 -1.84
N THR A 229 1.57 6.26 -1.65
CA THR A 229 0.41 5.44 -1.96
C THR A 229 0.28 5.19 -3.46
N LEU A 230 -0.17 3.99 -3.82
N LEU A 230 -0.12 3.97 -3.82
CA LEU A 230 -0.29 3.62 -5.22
CA LEU A 230 -0.30 3.62 -5.22
C LEU A 230 -1.73 3.58 -5.73
C LEU A 230 -1.75 3.67 -5.70
N ALA A 231 -2.69 3.18 -4.90
CA ALA A 231 -4.07 3.08 -5.35
C ALA A 231 -5.02 2.99 -4.16
N THR A 232 -6.31 2.78 -4.47
CA THR A 232 -7.43 2.93 -3.54
C THR A 232 -8.41 1.78 -3.67
N THR A 233 -9.00 1.37 -2.54
CA THR A 233 -10.21 0.57 -2.58
C THR A 233 -11.24 1.23 -1.66
N TYR A 234 -12.51 0.90 -1.89
CA TYR A 234 -13.57 1.41 -1.04
C TYR A 234 -13.43 0.87 0.38
N SER A 235 -13.87 1.69 1.33
CA SER A 235 -14.05 1.26 2.70
C SER A 235 -15.14 2.13 3.31
N SER A 236 -15.09 2.30 4.63
CA SER A 236 -16.15 2.98 5.36
C SER A 236 -15.99 4.50 5.30
N GLY A 237 -17.04 5.18 5.76
CA GLY A 237 -17.12 6.63 5.75
C GLY A 237 -18.01 7.11 6.88
N ASN A 238 -19.00 7.94 6.57
CA ASN A 238 -19.91 8.47 7.57
C ASN A 238 -21.05 7.48 7.80
N GLN A 239 -22.00 7.86 8.63
CA GLN A 239 -22.97 6.85 9.07
C GLN A 239 -24.12 6.70 8.09
N ASN A 240 -24.12 7.49 7.00
CA ASN A 240 -25.03 7.27 5.89
C ASN A 240 -24.43 6.40 4.80
N GLU A 241 -23.14 6.11 4.90
CA GLU A 241 -22.42 5.33 3.90
C GLU A 241 -22.23 3.92 4.42
N LYS A 242 -22.29 2.95 3.51
CA LYS A 242 -22.15 1.56 3.89
C LYS A 242 -20.68 1.25 4.21
N GLN A 243 -20.47 0.10 4.82
CA GLN A 243 -19.14 -0.30 5.28
C GLN A 243 -18.80 -1.64 4.66
N ILE A 244 -17.77 -2.30 5.20
CA ILE A 244 -17.32 -3.56 4.61
C ILE A 244 -18.01 -4.72 5.32
N VAL A 245 -18.47 -5.67 4.52
CA VAL A 245 -19.26 -6.81 4.97
C VAL A 245 -18.39 -8.05 4.87
N THR A 246 -18.21 -8.77 5.98
CA THR A 246 -17.25 -9.87 5.96
C THR A 246 -17.46 -10.81 7.14
N THR A 247 -16.58 -11.81 7.21
CA THR A 247 -16.56 -12.78 8.30
C THR A 247 -16.09 -12.11 9.59
N ASP A 248 -16.64 -12.56 10.70
CA ASP A 248 -16.28 -12.02 12.01
C ASP A 248 -16.00 -13.15 12.97
N LEU A 249 -15.28 -12.79 14.01
CA LEU A 249 -14.93 -13.72 15.08
C LEU A 249 -16.21 -14.33 15.66
N ARG A 250 -16.06 -15.57 16.13
CA ARG A 250 -17.14 -16.36 16.71
C ARG A 250 -18.16 -16.80 15.66
N GLN A 251 -17.68 -17.03 14.45
CA GLN A 251 -18.42 -17.68 13.37
C GLN A 251 -19.60 -16.83 12.92
N LYS A 252 -19.42 -15.52 12.98
CA LYS A 252 -20.44 -14.54 12.70
C LYS A 252 -20.12 -13.78 11.41
N CYS A 253 -20.99 -12.84 11.09
N CYS A 253 -21.07 -12.96 10.99
CA CYS A 253 -20.90 -12.00 9.90
CA CYS A 253 -20.79 -11.98 9.96
C CYS A 253 -21.09 -10.54 10.30
C CYS A 253 -20.74 -10.60 10.61
N THR A 254 -20.16 -9.66 9.89
CA THR A 254 -20.23 -8.26 10.26
C THR A 254 -20.54 -7.43 9.03
N GLU A 255 -21.27 -6.35 9.24
CA GLU A 255 -21.48 -5.34 8.21
C GLU A 255 -20.76 -4.05 8.53
N SER A 256 -19.88 -4.06 9.54
CA SER A 256 -19.32 -2.81 10.03
C SER A 256 -17.80 -2.89 10.16
N HIS A 257 -17.14 -3.46 9.18
CA HIS A 257 -15.68 -3.46 9.10
C HIS A 257 -15.25 -2.18 8.37
N THR A 258 -14.20 -1.54 8.86
CA THR A 258 -13.95 -0.14 8.57
C THR A 258 -12.46 0.16 8.40
N GLY A 259 -12.19 1.38 7.91
CA GLY A 259 -10.85 1.93 7.90
C GLY A 259 -10.02 1.55 6.69
N THR A 260 -8.85 2.18 6.58
CA THR A 260 -7.91 1.78 5.55
C THR A 260 -7.45 0.36 5.77
N SER A 261 -7.47 -0.07 7.03
CA SER A 261 -7.14 -1.42 7.39
C SER A 261 -8.14 -2.43 6.79
N ALA A 262 -9.32 -1.98 6.33
CA ALA A 262 -10.19 -2.86 5.55
C ALA A 262 -9.97 -2.74 4.04
N SER A 263 -9.24 -1.72 3.58
CA SER A 263 -8.99 -1.56 2.15
C SER A 263 -7.88 -2.47 1.66
N ALA A 264 -6.83 -2.64 2.46
CA ALA A 264 -5.71 -3.45 1.99
C ALA A 264 -6.14 -4.88 1.66
N PRO A 265 -6.99 -5.55 2.46
CA PRO A 265 -7.38 -6.92 2.08
C PRO A 265 -8.15 -6.99 0.79
N LEU A 266 -9.00 -6.00 0.50
CA LEU A 266 -9.71 -6.01 -0.79
C LEU A 266 -8.71 -5.91 -1.93
N ALA A 267 -7.70 -5.05 -1.78
CA ALA A 267 -6.64 -4.97 -2.78
C ALA A 267 -5.93 -6.30 -2.93
N ALA A 268 -5.60 -6.94 -1.79
CA ALA A 268 -4.93 -8.23 -1.84
C ALA A 268 -5.75 -9.24 -2.64
N GLY A 269 -7.06 -9.24 -2.45
CA GLY A 269 -7.91 -10.12 -3.24
C GLY A 269 -7.87 -9.81 -4.72
N ILE A 270 -7.88 -8.53 -5.08
CA ILE A 270 -7.81 -8.17 -6.51
C ILE A 270 -6.48 -8.61 -7.09
N ILE A 271 -5.41 -8.44 -6.32
CA ILE A 271 -4.09 -8.89 -6.76
C ILE A 271 -4.07 -10.39 -6.90
N ALA A 272 -4.81 -11.12 -6.06
CA ALA A 272 -4.90 -12.57 -6.22
C ALA A 272 -5.56 -12.94 -7.54
N LEU A 273 -6.64 -12.27 -7.91
CA LEU A 273 -7.27 -12.54 -9.20
C LEU A 273 -6.30 -12.28 -10.34
N THR A 274 -5.56 -11.19 -10.22
CA THR A 274 -4.58 -10.79 -11.24
C THR A 274 -3.47 -11.82 -11.38
N LEU A 275 -2.96 -12.32 -10.24
N LEU A 275 -2.98 -12.34 -10.25
CA LEU A 275 -1.93 -13.36 -10.31
CA LEU A 275 -1.93 -13.35 -10.30
C LEU A 275 -2.47 -14.61 -10.98
C LEU A 275 -2.43 -14.67 -10.87
N GLU A 276 -3.70 -15.01 -10.66
CA GLU A 276 -4.27 -16.17 -11.33
C GLU A 276 -4.25 -15.96 -12.85
N ALA A 277 -4.51 -14.74 -13.28
CA ALA A 277 -4.52 -14.44 -14.70
C ALA A 277 -3.12 -14.51 -15.31
N ASN A 278 -2.07 -14.29 -14.53
CA ASN A 278 -0.71 -14.43 -15.04
C ASN A 278 0.21 -14.72 -13.85
N LYS A 279 0.54 -16.00 -13.67
CA LYS A 279 1.28 -16.38 -12.48
C LYS A 279 2.75 -15.99 -12.56
N ASN A 280 3.20 -15.52 -13.71
N ASN A 280 3.22 -15.53 -13.71
CA ASN A 280 4.58 -15.14 -13.93
CA ASN A 280 4.61 -15.15 -13.89
C ASN A 280 4.84 -13.67 -13.63
C ASN A 280 4.82 -13.64 -13.71
N LEU A 281 3.84 -12.94 -13.14
CA LEU A 281 4.02 -11.52 -12.83
C LEU A 281 4.99 -11.35 -11.67
N THR A 282 5.93 -10.43 -11.81
CA THR A 282 6.84 -10.13 -10.72
C THR A 282 6.22 -9.11 -9.78
N TRP A 283 6.87 -8.91 -8.64
CA TRP A 283 6.39 -7.92 -7.69
C TRP A 283 6.33 -6.52 -8.31
N ARG A 284 7.25 -6.21 -9.23
CA ARG A 284 7.22 -4.91 -9.89
C ARG A 284 6.16 -4.88 -10.98
N ASP A 285 6.03 -5.96 -11.76
CA ASP A 285 4.94 -6.05 -12.72
C ASP A 285 3.63 -5.67 -12.08
N MET A 286 3.36 -6.23 -10.88
CA MET A 286 2.08 -6.01 -10.24
C MET A 286 1.86 -4.54 -9.95
N GLN A 287 2.91 -3.83 -9.55
CA GLN A 287 2.77 -2.39 -9.30
C GLN A 287 2.53 -1.64 -10.60
N HIS A 288 3.22 -2.04 -11.67
CA HIS A 288 2.95 -1.45 -12.99
C HIS A 288 1.49 -1.64 -13.39
N LEU A 289 0.94 -2.83 -13.18
CA LEU A 289 -0.46 -3.07 -13.56
C LEU A 289 -1.39 -2.16 -12.78
N VAL A 290 -1.14 -1.99 -11.50
CA VAL A 290 -1.95 -1.10 -10.68
C VAL A 290 -1.86 0.34 -11.19
N VAL A 291 -0.66 0.80 -11.52
CA VAL A 291 -0.53 2.17 -12.00
C VAL A 291 -1.32 2.36 -13.29
N GLN A 292 -1.25 1.40 -14.21
CA GLN A 292 -1.86 1.56 -15.52
C GLN A 292 -3.37 1.42 -15.52
N THR A 293 -3.94 0.62 -14.61
CA THR A 293 -5.37 0.27 -14.69
C THR A 293 -6.24 0.98 -13.68
N SER A 294 -5.68 1.66 -12.68
CA SER A 294 -6.51 2.24 -11.63
C SER A 294 -7.21 3.49 -12.12
N LYS A 295 -8.37 3.77 -11.55
CA LYS A 295 -9.33 4.70 -12.12
C LYS A 295 -9.61 5.87 -11.18
N PRO A 296 -9.29 7.11 -11.57
CA PRO A 296 -9.65 8.25 -10.74
C PRO A 296 -11.13 8.59 -10.73
N ALA A 297 -11.89 8.14 -11.71
CA ALA A 297 -13.21 8.71 -11.94
C ALA A 297 -14.08 8.63 -10.70
N HIS A 298 -14.74 9.72 -10.37
CA HIS A 298 -15.73 9.78 -9.28
C HIS A 298 -15.09 9.67 -7.90
N LEU A 299 -13.78 9.75 -7.80
CA LEU A 299 -13.12 9.96 -6.51
C LEU A 299 -12.84 11.45 -6.34
N ASN A 300 -13.37 12.03 -5.27
CA ASN A 300 -13.31 13.47 -5.03
C ASN A 300 -12.08 13.81 -4.20
N ALA A 301 -11.22 14.68 -4.73
CA ALA A 301 -10.10 15.23 -3.99
C ALA A 301 -9.71 16.55 -4.62
N ASN A 302 -9.12 17.43 -3.84
CA ASN A 302 -8.74 18.74 -4.36
C ASN A 302 -7.31 18.75 -4.90
N ASP A 303 -6.64 17.59 -4.94
CA ASP A 303 -5.24 17.56 -5.34
C ASP A 303 -4.98 16.66 -6.53
N TRP A 304 -6.00 16.33 -7.32
CA TRP A 304 -5.73 15.54 -8.51
C TRP A 304 -4.82 16.34 -9.43
N ALA A 305 -3.74 15.73 -9.86
CA ALA A 305 -2.80 16.41 -10.74
C ALA A 305 -2.37 15.43 -11.82
N THR A 306 -2.14 15.96 -13.02
CA THR A 306 -1.70 15.12 -14.12
C THR A 306 -0.18 15.13 -14.14
N ASN A 307 0.40 13.94 -14.13
CA ASN A 307 1.85 13.82 -14.08
C ASN A 307 2.43 13.88 -15.50
N GLY A 308 3.71 13.57 -15.65
CA GLY A 308 4.36 13.84 -16.92
C GLY A 308 4.02 12.87 -18.03
N VAL A 309 3.36 11.76 -17.70
CA VAL A 309 2.93 10.82 -18.71
C VAL A 309 1.41 10.81 -18.82
N GLY A 310 0.77 11.87 -18.32
CA GLY A 310 -0.65 12.08 -18.54
C GLY A 310 -1.59 11.31 -17.63
N ARG A 311 -1.07 10.72 -16.55
CA ARG A 311 -1.91 10.02 -15.58
C ARG A 311 -2.28 10.96 -14.45
N LYS A 312 -3.52 10.87 -14.00
CA LYS A 312 -3.94 11.64 -12.84
C LYS A 312 -3.54 10.93 -11.57
N VAL A 313 -3.03 11.67 -10.59
N VAL A 313 -3.01 11.69 -10.61
CA VAL A 313 -2.57 11.08 -9.35
CA VAL A 313 -2.55 11.14 -9.34
C VAL A 313 -2.86 12.04 -8.20
C VAL A 313 -3.01 12.06 -8.23
N SER A 314 -3.28 11.46 -7.07
CA SER A 314 -3.65 12.17 -5.87
C SER A 314 -2.87 11.59 -4.71
N HIS A 315 -2.59 12.43 -3.71
CA HIS A 315 -1.93 11.90 -2.52
C HIS A 315 -2.91 11.15 -1.62
N SER A 316 -4.22 11.32 -1.82
CA SER A 316 -5.20 10.57 -1.05
C SER A 316 -5.48 9.22 -1.68
N TYR A 317 -5.37 9.15 -3.00
CA TYR A 317 -5.86 8.01 -3.74
C TYR A 317 -4.81 7.31 -4.60
N GLY A 318 -3.59 7.84 -4.68
CA GLY A 318 -2.64 7.31 -5.65
C GLY A 318 -3.22 7.48 -7.05
N TYR A 319 -3.16 6.40 -7.84
CA TYR A 319 -3.67 6.44 -9.20
C TYR A 319 -5.17 6.19 -9.30
N GLY A 320 -5.84 6.01 -8.18
CA GLY A 320 -7.28 5.86 -8.21
C GLY A 320 -7.74 4.50 -7.71
N LEU A 321 -9.02 4.22 -7.98
N LEU A 321 -8.98 4.18 -8.04
CA LEU A 321 -9.62 2.97 -7.57
CA LEU A 321 -9.64 2.98 -7.55
C LEU A 321 -8.99 1.80 -8.31
C LEU A 321 -9.17 1.76 -8.32
N LEU A 322 -8.82 0.70 -7.60
CA LEU A 322 -8.47 -0.55 -8.28
C LEU A 322 -9.66 -0.99 -9.12
N ASP A 323 -9.34 -1.58 -10.27
CA ASP A 323 -10.30 -2.04 -11.27
C ASP A 323 -9.93 -3.48 -11.57
N ALA A 324 -10.64 -4.43 -10.95
CA ALA A 324 -10.21 -5.82 -11.04
C ALA A 324 -10.33 -6.37 -12.45
N GLY A 325 -11.42 -6.04 -13.14
CA GLY A 325 -11.58 -6.53 -14.50
C GLY A 325 -10.46 -6.04 -15.41
N ALA A 326 -10.08 -4.77 -15.26
CA ALA A 326 -8.98 -4.23 -16.06
C ALA A 326 -7.65 -4.86 -15.68
N MET A 327 -7.42 -5.05 -14.38
CA MET A 327 -6.19 -5.69 -13.92
C MET A 327 -6.02 -7.07 -14.56
N VAL A 328 -7.06 -7.92 -14.49
CA VAL A 328 -6.89 -9.28 -15.00
C VAL A 328 -6.76 -9.28 -16.51
N ALA A 329 -7.45 -8.37 -17.19
CA ALA A 329 -7.33 -8.26 -18.64
C ALA A 329 -5.92 -7.91 -19.08
N LEU A 330 -5.33 -6.89 -18.45
CA LEU A 330 -3.99 -6.44 -18.84
C LEU A 330 -2.90 -7.42 -18.40
N ALA A 331 -3.14 -8.17 -17.33
CA ALA A 331 -2.17 -9.15 -16.87
C ALA A 331 -1.91 -10.24 -17.89
N GLN A 332 -2.94 -10.62 -18.65
CA GLN A 332 -2.85 -11.87 -19.39
C GLN A 332 -1.71 -11.85 -20.40
N ASN A 333 -1.52 -10.76 -21.12
CA ASN A 333 -0.45 -10.70 -22.10
C ASN A 333 0.68 -9.77 -21.68
N TRP A 334 0.78 -9.46 -20.39
CA TRP A 334 1.79 -8.54 -19.89
C TRP A 334 3.20 -9.07 -20.18
N THR A 335 4.05 -8.19 -20.69
CA THR A 335 5.46 -8.49 -20.88
C THR A 335 6.22 -8.09 -19.63
N THR A 336 6.95 -9.06 -19.05
CA THR A 336 7.74 -8.81 -17.85
C THR A 336 8.62 -7.59 -18.01
N VAL A 337 8.63 -6.73 -16.99
CA VAL A 337 9.46 -5.54 -17.06
C VAL A 337 10.94 -5.94 -16.98
N ALA A 338 11.77 -5.03 -17.47
CA ALA A 338 13.21 -5.24 -17.46
C ALA A 338 13.73 -5.23 -16.02
N PRO A 339 14.94 -5.72 -15.81
CA PRO A 339 15.48 -5.72 -14.45
C PRO A 339 15.54 -4.32 -13.87
N GLN A 340 15.34 -4.24 -12.55
CA GLN A 340 15.28 -2.97 -11.85
C GLN A 340 16.67 -2.33 -11.79
N ARG A 341 16.77 -1.11 -12.28
CA ARG A 341 17.95 -0.27 -12.12
C ARG A 341 17.77 0.69 -10.95
N LYS A 342 18.90 1.13 -10.39
CA LYS A 342 18.91 2.04 -9.25
C LYS A 342 20.02 3.07 -9.47
N CYS A 343 19.64 4.33 -9.57
CA CYS A 343 20.57 5.43 -9.85
C CYS A 343 20.64 6.29 -8.60
N ILE A 344 21.83 6.36 -8.00
CA ILE A 344 22.06 7.06 -6.73
C ILE A 344 22.73 8.39 -7.03
N ILE A 345 22.12 9.50 -6.59
CA ILE A 345 22.66 10.83 -6.87
C ILE A 345 22.78 11.56 -5.54
N ASP A 346 24.01 11.75 -5.07
CA ASP A 346 24.24 12.56 -3.88
C ASP A 346 24.17 14.02 -4.29
N ILE A 347 23.25 14.79 -3.71
CA ILE A 347 22.87 16.09 -4.27
C ILE A 347 23.70 17.24 -3.68
N LEU A 348 23.85 17.31 -2.35
CA LEU A 348 24.43 18.51 -1.75
C LEU A 348 25.95 18.53 -1.85
N THR A 349 26.50 19.72 -2.07
CA THR A 349 27.93 19.93 -1.94
C THR A 349 28.31 20.45 -0.56
N GLU A 350 27.33 20.94 0.19
CA GLU A 350 27.54 21.48 1.53
C GLU A 350 26.20 21.40 2.27
N PRO A 351 26.24 21.37 3.60
CA PRO A 351 24.98 21.44 4.36
C PRO A 351 24.28 22.76 4.13
N LYS A 352 22.94 22.73 4.22
CA LYS A 352 22.11 23.87 3.89
C LYS A 352 21.24 24.22 5.09
N ASP A 353 21.33 25.46 5.52
CA ASP A 353 20.42 25.97 6.54
C ASP A 353 18.98 25.94 6.04
N ILE A 354 18.06 25.47 6.88
CA ILE A 354 16.65 25.42 6.48
C ILE A 354 15.95 26.74 6.78
N GLY A 355 16.06 27.23 8.00
CA GLY A 355 15.36 28.46 8.35
C GLY A 355 13.87 28.37 8.03
N LYS A 356 13.35 29.45 7.43
CA LYS A 356 11.94 29.54 7.08
C LYS A 356 11.61 28.74 5.82
N ARG A 357 12.57 28.63 4.90
N ARG A 357 12.58 28.61 4.93
CA ARG A 357 12.33 27.97 3.64
CA ARG A 357 12.33 27.97 3.65
C ARG A 357 13.67 27.64 3.01
C ARG A 357 13.66 27.64 2.99
N LEU A 358 13.74 26.47 2.37
CA LEU A 358 14.91 26.06 1.64
C LEU A 358 14.46 25.42 0.35
N GLU A 359 15.10 25.80 -0.75
CA GLU A 359 14.92 25.15 -2.03
C GLU A 359 16.27 24.63 -2.49
N VAL A 360 16.31 23.38 -2.92
CA VAL A 360 17.50 22.78 -3.50
C VAL A 360 17.15 22.31 -4.91
N ARG A 361 17.83 22.90 -5.90
N ARG A 361 17.86 22.87 -5.90
CA ARG A 361 17.67 22.51 -7.29
CA ARG A 361 17.67 22.51 -7.30
C ARG A 361 18.90 21.71 -7.72
C ARG A 361 18.89 21.78 -7.81
N LYS A 362 18.67 20.70 -8.56
CA LYS A 362 19.80 19.98 -9.13
C LYS A 362 19.37 19.35 -10.44
N THR A 363 20.18 19.56 -11.48
CA THR A 363 19.95 18.93 -12.77
C THR A 363 20.78 17.66 -12.83
N VAL A 364 20.12 16.54 -13.11
CA VAL A 364 20.76 15.23 -13.06
C VAL A 364 20.66 14.58 -14.44
N THR A 365 21.59 13.65 -14.70
CA THR A 365 21.53 12.88 -15.93
C THR A 365 20.99 11.47 -15.71
N ALA A 366 20.63 11.12 -14.48
CA ALA A 366 20.05 9.82 -14.17
C ALA A 366 20.94 8.68 -14.66
N CYS A 367 22.22 8.80 -14.35
CA CYS A 367 23.19 7.73 -14.54
C CYS A 367 23.40 7.44 -16.02
N LEU A 368 23.34 8.50 -16.83
CA LEU A 368 23.66 8.43 -18.24
C LEU A 368 24.99 7.74 -18.48
N GLY A 369 24.98 6.80 -19.42
CA GLY A 369 26.19 6.10 -19.79
C GLY A 369 26.50 4.89 -18.94
N GLU A 370 25.72 4.62 -17.91
CA GLU A 370 25.96 3.54 -16.95
C GLU A 370 24.90 2.46 -17.06
N PRO A 371 25.16 1.26 -16.52
CA PRO A 371 24.11 0.23 -16.54
C PRO A 371 22.90 0.58 -15.70
N ASN A 372 22.98 1.57 -14.82
CA ASN A 372 21.83 2.02 -14.06
C ASN A 372 21.18 3.26 -14.65
N HIS A 373 21.51 3.60 -15.89
CA HIS A 373 20.78 4.65 -16.58
C HIS A 373 19.28 4.37 -16.57
N ILE A 374 18.51 5.35 -16.14
CA ILE A 374 17.06 5.22 -16.06
C ILE A 374 16.41 6.28 -16.93
N THR A 375 15.64 5.83 -17.90
CA THR A 375 14.79 6.72 -18.67
C THR A 375 13.32 6.55 -18.35
N ARG A 376 12.96 5.51 -17.58
CA ARG A 376 11.58 5.19 -17.23
C ARG A 376 11.55 4.97 -15.72
N LEU A 377 11.11 5.97 -14.98
CA LEU A 377 11.09 5.88 -13.54
C LEU A 377 10.02 4.92 -13.04
N GLU A 378 10.31 4.26 -11.93
CA GLU A 378 9.28 3.61 -11.13
C GLU A 378 9.16 4.48 -9.87
N HIS A 379 9.67 4.03 -8.75
CA HIS A 379 9.70 4.81 -7.51
C HIS A 379 10.88 5.79 -7.53
N ALA A 380 10.69 6.93 -6.88
CA ALA A 380 11.79 7.82 -6.56
C ALA A 380 11.79 8.10 -5.09
N GLN A 381 12.98 8.23 -4.52
CA GLN A 381 13.13 8.59 -3.11
C GLN A 381 14.00 9.83 -2.98
N ALA A 382 13.65 10.67 -2.04
CA ALA A 382 14.54 11.72 -1.54
C ALA A 382 14.91 11.26 -0.13
N ARG A 383 16.13 10.78 0.02
CA ARG A 383 16.62 10.30 1.30
C ARG A 383 17.28 11.49 2.01
N LEU A 384 16.62 11.96 3.06
CA LEU A 384 17.00 13.20 3.71
C LEU A 384 17.52 12.97 5.11
N THR A 385 18.61 13.66 5.43
CA THR A 385 19.11 13.77 6.79
C THR A 385 19.08 15.25 7.14
N LEU A 386 18.35 15.58 8.20
CA LEU A 386 18.20 16.97 8.59
C LEU A 386 17.88 17.05 10.07
N SER A 387 18.29 18.16 10.67
CA SER A 387 17.90 18.54 12.00
C SER A 387 16.85 19.64 11.92
N TYR A 388 15.96 19.66 12.90
CA TYR A 388 14.98 20.75 12.99
C TYR A 388 14.46 20.76 14.42
N ASN A 389 14.05 21.93 14.89
CA ASN A 389 13.64 22.02 16.29
C ASN A 389 12.22 21.50 16.53
N ARG A 390 11.33 21.55 15.54
N ARG A 390 11.33 21.58 15.56
CA ARG A 390 9.97 21.01 15.70
CA ARG A 390 9.99 21.02 15.67
C ARG A 390 9.56 20.37 14.37
C ARG A 390 9.65 20.38 14.35
N ARG A 391 9.67 19.04 14.31
CA ARG A 391 9.61 18.34 13.05
C ARG A 391 8.31 18.57 12.30
N GLY A 392 7.19 18.56 13.02
CA GLY A 392 5.89 18.64 12.39
C GLY A 392 5.57 19.97 11.76
N ASP A 393 6.39 20.98 11.99
CA ASP A 393 6.17 22.23 11.29
C ASP A 393 6.70 22.20 9.87
N LEU A 394 7.45 21.15 9.49
CA LEU A 394 8.01 21.05 8.15
C LEU A 394 7.00 20.50 7.16
N ALA A 395 6.99 21.08 5.97
CA ALA A 395 6.39 20.48 4.80
C ALA A 395 7.48 20.35 3.74
N ILE A 396 7.49 19.23 3.04
CA ILE A 396 8.55 18.93 2.08
C ILE A 396 7.93 18.49 0.77
N HIS A 397 8.37 19.09 -0.34
CA HIS A 397 7.92 18.74 -1.68
C HIS A 397 9.11 18.43 -2.56
N LEU A 398 8.89 17.54 -3.52
CA LEU A 398 9.87 17.18 -4.53
C LEU A 398 9.21 17.33 -5.90
N VAL A 399 9.84 18.08 -6.79
CA VAL A 399 9.32 18.32 -8.14
C VAL A 399 10.22 17.64 -9.15
N SER A 400 9.62 16.81 -10.00
CA SER A 400 10.37 16.09 -11.02
C SER A 400 10.64 16.98 -12.21
N PRO A 401 11.56 16.57 -13.10
CA PRO A 401 11.81 17.37 -14.29
C PRO A 401 10.59 17.59 -15.14
N MET A 402 9.64 16.66 -15.10
N MET A 402 9.63 16.67 -15.11
CA MET A 402 8.38 16.80 -15.83
CA MET A 402 8.39 16.82 -15.85
C MET A 402 7.37 17.69 -15.13
C MET A 402 7.33 17.57 -15.05
N GLY A 403 7.73 18.24 -13.97
CA GLY A 403 6.88 19.19 -13.28
C GLY A 403 5.91 18.59 -12.29
N THR A 404 6.07 17.32 -11.94
CA THR A 404 5.14 16.65 -11.05
C THR A 404 5.56 16.97 -9.63
N ARG A 405 4.70 17.66 -8.89
N ARG A 405 4.69 17.62 -8.86
CA ARG A 405 4.95 18.02 -7.51
CA ARG A 405 5.01 18.05 -7.50
C ARG A 405 4.50 16.87 -6.61
C ARG A 405 4.52 17.00 -6.51
N SER A 406 5.44 16.23 -5.96
CA SER A 406 5.12 15.23 -4.94
C SER A 406 5.26 15.86 -3.56
N THR A 407 4.23 15.75 -2.76
CA THR A 407 4.37 16.09 -1.34
C THR A 407 5.06 14.92 -0.66
N LEU A 408 6.28 15.14 -0.18
CA LEU A 408 6.96 14.11 0.59
C LEU A 408 6.56 14.11 2.06
N LEU A 409 6.19 15.27 2.59
CA LEU A 409 5.83 15.43 4.00
C LEU A 409 4.88 16.61 4.11
N ALA A 410 3.71 16.40 4.70
CA ALA A 410 2.84 17.51 5.04
C ALA A 410 3.07 17.86 6.51
N ALA A 411 2.70 19.09 6.87
CA ALA A 411 2.78 19.50 8.27
C ALA A 411 2.00 18.52 9.14
N ARG A 412 2.60 18.15 10.27
CA ARG A 412 1.98 17.26 11.26
C ARG A 412 1.91 18.00 12.58
N PRO A 413 0.77 18.58 12.93
N PRO A 413 0.78 18.63 12.91
CA PRO A 413 0.73 19.50 14.08
CA PRO A 413 0.75 19.52 14.08
C PRO A 413 1.09 18.85 15.39
C PRO A 413 1.12 18.84 15.39
N HIS A 414 0.85 17.55 15.55
CA HIS A 414 1.16 16.86 16.79
C HIS A 414 2.62 16.46 16.90
N ASP A 415 3.40 16.55 15.82
CA ASP A 415 4.79 16.08 15.82
C ASP A 415 5.72 17.16 16.35
N TYR A 416 5.96 17.13 17.67
CA TYR A 416 6.82 18.08 18.35
C TYR A 416 8.29 17.64 18.37
N SER A 417 8.62 16.52 17.74
CA SER A 417 9.96 15.95 17.89
C SER A 417 11.05 16.93 17.48
N ALA A 418 12.13 16.95 18.25
CA ALA A 418 13.33 17.68 17.87
C ALA A 418 14.38 16.76 17.25
N ASP A 419 14.01 15.55 16.88
CA ASP A 419 14.95 14.55 16.40
C ASP A 419 15.14 14.54 14.88
N GLY A 420 14.34 15.31 14.13
CA GLY A 420 14.59 15.45 12.71
C GLY A 420 14.39 14.14 11.95
N PHE A 421 15.06 14.04 10.80
CA PHE A 421 15.00 12.86 9.97
C PHE A 421 16.41 12.35 9.75
N ASN A 422 16.59 11.05 9.97
CA ASN A 422 17.91 10.42 9.88
C ASN A 422 17.93 9.51 8.66
N ASP A 423 18.38 10.04 7.53
CA ASP A 423 18.38 9.35 6.24
C ASP A 423 17.01 8.70 5.98
N TRP A 424 15.96 9.49 6.10
CA TRP A 424 14.62 8.96 5.89
C TRP A 424 14.30 8.99 4.41
N ALA A 425 13.90 7.85 3.86
CA ALA A 425 13.73 7.71 2.41
C ALA A 425 12.30 7.99 1.96
N PHE A 426 11.95 9.28 1.96
CA PHE A 426 10.65 9.70 1.48
C PHE A 426 10.44 9.22 0.05
N MET A 427 9.33 8.55 -0.22
CA MET A 427 9.14 7.91 -1.51
C MET A 427 7.91 8.47 -2.23
N THR A 428 8.05 8.62 -3.54
CA THR A 428 6.91 8.98 -4.36
C THR A 428 6.72 8.03 -5.53
N THR A 429 5.46 7.70 -5.78
CA THR A 429 5.02 6.94 -6.93
C THR A 429 4.49 7.83 -8.05
N HIS A 430 4.40 9.14 -7.82
CA HIS A 430 3.65 10.01 -8.72
C HIS A 430 4.38 10.30 -10.03
N SER A 431 5.67 10.01 -10.11
CA SER A 431 6.43 10.21 -11.34
C SER A 431 6.69 8.91 -12.08
N TRP A 432 5.96 7.86 -11.73
CA TRP A 432 6.05 6.58 -12.42
C TRP A 432 5.95 6.77 -13.92
N ASP A 433 6.91 6.18 -14.65
CA ASP A 433 7.04 6.14 -16.11
C ASP A 433 7.59 7.46 -16.69
N GLU A 434 7.81 8.48 -15.88
CA GLU A 434 8.48 9.69 -16.35
C GLU A 434 9.97 9.44 -16.60
N ASP A 435 10.54 10.27 -17.47
CA ASP A 435 11.99 10.33 -17.63
C ASP A 435 12.56 11.24 -16.55
N PRO A 436 13.45 10.74 -15.68
CA PRO A 436 13.92 11.54 -14.55
C PRO A 436 15.14 12.40 -14.84
N SER A 437 15.60 12.43 -16.08
N SER A 437 15.62 12.42 -16.07
CA SER A 437 16.68 13.33 -16.44
CA SER A 437 16.70 13.33 -16.41
C SER A 437 16.17 14.76 -16.42
C SER A 437 16.18 14.75 -16.40
N GLY A 438 17.00 15.67 -15.91
CA GLY A 438 16.62 17.07 -15.87
C GLY A 438 16.66 17.63 -14.47
N GLU A 439 15.96 18.73 -14.26
CA GLU A 439 16.02 19.43 -12.99
C GLU A 439 15.01 18.87 -11.99
N TRP A 440 15.51 18.45 -10.84
CA TRP A 440 14.70 18.12 -9.68
C TRP A 440 14.78 19.26 -8.68
N VAL A 441 13.68 19.53 -8.00
CA VAL A 441 13.62 20.58 -6.98
C VAL A 441 13.10 20.00 -5.68
N LEU A 442 13.86 20.19 -4.60
CA LEU A 442 13.42 19.86 -3.26
C LEU A 442 13.07 21.15 -2.53
N GLU A 443 11.87 21.19 -1.96
CA GLU A 443 11.39 22.33 -1.19
C GLU A 443 11.16 21.88 0.25
N ILE A 444 11.75 22.61 1.19
CA ILE A 444 11.50 22.39 2.61
C ILE A 444 11.02 23.71 3.20
N GLU A 445 9.86 23.69 3.84
CA GLU A 445 9.27 24.92 4.33
C GLU A 445 8.82 24.78 5.78
N ASN A 446 9.00 25.86 6.52
CA ASN A 446 8.44 26.00 7.85
C ASN A 446 7.02 26.52 7.69
N THR A 447 6.01 25.69 7.98
CA THR A 447 4.62 26.08 7.82
C THR A 447 4.09 26.88 9.00
N SER A 448 4.90 27.08 10.03
N SER A 448 4.90 27.09 10.02
CA SER A 448 4.48 27.84 11.20
CA SER A 448 4.52 27.81 11.23
C SER A 448 5.04 29.25 11.13
C SER A 448 5.12 29.21 11.21
N GLU A 449 4.50 30.11 11.98
CA GLU A 449 5.04 31.45 12.18
C GLU A 449 6.19 31.46 13.17
N ALA A 450 6.46 30.33 13.82
CA ALA A 450 7.56 30.28 14.77
C ALA A 450 8.90 30.41 14.07
N ASN A 451 9.86 30.97 14.80
CA ASN A 451 11.23 31.08 14.30
C ASN A 451 11.95 29.75 14.52
N ASN A 452 11.60 28.79 13.69
CA ASN A 452 12.21 27.47 13.74
C ASN A 452 13.53 27.47 12.98
N TYR A 453 14.33 26.42 13.21
CA TYR A 453 15.71 26.40 12.75
C TYR A 453 16.21 24.96 12.63
N GLY A 454 17.14 24.76 11.69
CA GLY A 454 17.80 23.48 11.51
C GLY A 454 18.56 23.48 10.20
N THR A 455 19.08 22.30 9.86
CA THR A 455 20.04 22.16 8.76
C THR A 455 19.77 20.86 8.02
N LEU A 456 19.75 20.93 6.68
CA LEU A 456 19.74 19.76 5.81
C LEU A 456 21.19 19.37 5.54
N THR A 457 21.59 18.17 5.97
CA THR A 457 22.98 17.75 5.81
C THR A 457 23.19 16.71 4.73
N LYS A 458 22.14 16.01 4.29
CA LYS A 458 22.27 15.05 3.21
C LYS A 458 20.95 14.95 2.48
N PHE A 459 21.04 14.96 1.16
CA PHE A 459 19.94 14.70 0.24
C PHE A 459 20.45 13.76 -0.83
N THR A 460 20.00 12.50 -0.78
CA THR A 460 20.28 11.52 -1.81
C THR A 460 19.01 11.36 -2.62
N LEU A 461 19.11 11.63 -3.90
CA LEU A 461 18.03 11.28 -4.80
C LEU A 461 18.28 9.89 -5.33
N VAL A 462 17.33 8.97 -5.09
CA VAL A 462 17.48 7.59 -5.48
C VAL A 462 16.37 7.31 -6.47
N LEU A 463 16.75 6.99 -7.69
CA LEU A 463 15.83 6.70 -8.78
C LEU A 463 15.85 5.19 -9.04
N TYR A 464 14.68 4.60 -9.12
CA TYR A 464 14.51 3.22 -9.55
C TYR A 464 13.78 3.19 -10.89
N GLY A 465 14.06 2.20 -11.71
CA GLY A 465 13.31 2.06 -12.96
C GLY A 465 14.14 1.32 -14.02
N THR A 466 13.79 1.60 -15.27
CA THR A 466 14.35 0.88 -16.39
C THR A 466 14.69 1.87 -17.50
N ALA A 467 15.12 1.34 -18.63
CA ALA A 467 15.47 2.18 -19.76
C ALA A 467 14.82 1.65 -21.04
N SER A 468 13.66 1.01 -20.94
CA SER A 468 13.00 0.49 -22.13
C SER A 468 11.53 0.24 -21.84
N GLY A 469 10.73 0.18 -22.91
CA GLY A 469 9.38 -0.35 -22.80
C GLY A 469 8.27 0.66 -22.59
N SER A 470 8.51 1.94 -22.83
CA SER A 470 7.51 2.95 -22.48
C SER A 470 6.32 2.91 -23.44
N LEU A 471 5.15 3.22 -22.88
CA LEU A 471 3.90 3.43 -23.61
C LEU A 471 3.80 4.90 -24.02
N VAL A 472 3.01 5.15 -25.07
CA VAL A 472 2.67 6.53 -25.40
C VAL A 472 1.94 7.17 -24.23
N PRO A 473 2.27 8.42 -23.83
CA PRO A 473 1.57 9.03 -22.68
C PRO A 473 0.05 9.03 -22.84
N ARG A 474 -0.63 8.97 -21.71
CA ARG A 474 -2.09 8.80 -21.66
C ARG A 474 -2.85 9.99 -22.22
CA CA B . -1.38 -20.59 18.52
CA CA C . -20.05 -17.17 1.89
CA CA D . 0.32 6.64 9.76
NA NA E . 4.53 1.02 -0.46
NA NA F . 14.44 15.52 -18.74
NA NA G . 1.73 18.03 -14.72
NA NA H . -1.13 2.33 10.26
CL CL I . 17.84 -1.03 -3.19
S DMS J . 13.52 9.76 12.06
O DMS J . 14.38 9.56 10.85
C1 DMS J . 13.17 8.09 12.66
C2 DMS J . 14.60 10.36 13.40
H11 DMS J . 12.64 8.14 13.56
H12 DMS J . 14.08 7.56 12.80
H13 DMS J . 12.58 7.58 11.94
H21 DMS J . 14.03 10.51 14.28
H22 DMS J . 15.05 11.28 13.11
H23 DMS J . 15.36 9.65 13.60
S DMS K . 14.98 -5.43 -6.66
O DMS K . 15.22 -4.82 -5.32
C1 DMS K . 16.58 -5.67 -7.44
C2 DMS K . 14.59 -7.20 -6.63
H11 DMS K . 16.46 -6.22 -8.34
H12 DMS K . 17.22 -6.22 -6.79
H13 DMS K . 17.02 -4.73 -7.66
H21 DMS K . 14.44 -7.54 -7.62
H22 DMS K . 13.70 -7.36 -6.07
H23 DMS K . 15.39 -7.74 -6.19
S DMS L . -10.44 3.11 12.36
O DMS L . -9.13 3.60 12.90
C1 DMS L . -10.71 3.85 10.74
C2 DMS L . -10.24 1.40 11.80
H11 DMS L . -10.80 4.91 10.85
H12 DMS L . -11.59 3.47 10.31
H13 DMS L . -9.88 3.65 10.11
H21 DMS L . -10.09 0.77 12.63
H22 DMS L . -9.41 1.34 11.15
H23 DMS L . -11.11 1.10 11.27
S DMS M . -14.40 -20.26 22.30
O DMS M . -14.56 -19.81 20.89
C1 DMS M . -12.70 -20.81 22.60
C2 DMS M . -14.47 -18.83 23.41
H11 DMS M . -12.57 -21.06 23.62
H12 DMS M . -12.03 -20.03 22.34
H13 DMS M . -12.49 -21.66 22.00
H21 DMS M . -14.28 -19.14 24.41
H22 DMS M . -15.43 -18.38 23.36
H23 DMS M . -13.74 -18.12 23.13
S DMS N . -4.19 -18.77 22.77
O DMS N . -4.71 -20.16 22.59
C1 DMS N . -4.49 -17.86 21.22
C2 DMS N . -5.20 -17.88 23.98
H11 DMS N . -4.22 -16.85 21.34
H12 DMS N . -5.51 -17.93 20.97
H13 DMS N . -3.91 -18.29 20.44
H21 DMS N . -4.83 -16.91 24.11
H22 DMS N . -5.17 -18.40 24.91
H23 DMS N . -6.20 -17.83 23.64
S DMS O . -8.09 16.79 -0.16
S DMS O . -9.41 16.64 0.13
O DMS O . -9.11 16.90 -1.25
O DMS O . -9.94 17.06 -1.18
C1 DMS O . -8.35 18.15 1.02
C1 DMS O . -7.72 16.01 -0.08
C2 DMS O . -8.70 15.46 0.91
C2 DMS O . -9.02 18.13 1.10
H11 DMS O . -7.74 17.98 1.88
H11 DMS O . -7.30 15.76 0.86
H12 DMS O . -9.37 18.17 1.32
H12 DMS O . -7.12 16.75 -0.54
H13 DMS O . -8.08 19.07 0.57
H13 DMS O . -7.74 15.15 -0.70
H21 DMS O . -7.96 15.23 1.63
H21 DMS O . -8.55 17.85 2.01
H22 DMS O . -8.91 14.61 0.32
H22 DMS O . -9.91 18.65 1.31
H23 DMS O . -9.59 15.78 1.40
H23 DMS O . -8.37 18.75 0.54
C1 NAG P . 8.38 -15.76 -16.96
C2 NAG P . 8.46 -16.82 -18.08
C3 NAG P . 9.90 -17.04 -18.52
C4 NAG P . 10.59 -15.72 -18.85
C5 NAG P . 10.43 -14.75 -17.69
C6 NAG P . 11.00 -13.38 -17.96
C7 NAG P . 6.65 -18.49 -17.96
C8 NAG P . 6.23 -19.81 -17.40
N2 NAG P . 7.86 -18.07 -17.62
O3 NAG P . 9.93 -17.88 -19.66
O4 NAG P . 11.96 -15.95 -19.12
O5 NAG P . 9.04 -14.57 -17.39
O6 NAG P . 10.43 -12.81 -19.12
O7 NAG P . 5.91 -17.84 -18.70
H1 NAG P . 8.83 -16.10 -16.16
H2 NAG P . 7.96 -16.49 -18.84
H3 NAG P . 10.38 -17.47 -17.78
H4 NAG P . 10.18 -15.33 -19.64
H5 NAG P . 10.88 -15.13 -16.89
H61 NAG P . 11.97 -13.46 -18.08
H62 NAG P . 10.82 -12.81 -17.19
H81 NAG P . 5.33 -20.04 -17.72
H82 NAG P . 6.22 -19.76 -16.42
H83 NAG P . 6.86 -20.50 -17.68
HN2 NAG P . 8.37 -18.59 -17.06
HO3 NAG P . 10.76 -18.03 -19.92
HO4 NAG P . 12.25 -15.38 -19.74
HO6 NAG P . 10.87 -12.07 -19.34
C4 A1JA5 Q . 1.85 -5.50 10.65
C6 A1JA5 Q . 2.09 -4.58 11.65
C7 A1JA5 Q . 3.40 -4.26 11.98
C8 A1JA5 Q . 3.70 -3.34 13.10
C10 A1JA5 Q . 3.29 -2.55 15.36
N12 A1JA5 Q . 1.46 -1.65 16.88
C13 A1JA5 Q . 0.61 -2.07 18.06
C15 A1JA5 Q . -0.33 0.21 17.86
C22 A1JA5 Q . 0.91 0.78 17.16
C24 A1JA5 Q . 4.40 -1.73 15.28
C26 A1JA5 Q . 6.39 -0.82 14.05
C28 A1JA5 Q . 7.68 -2.06 15.77
C11 A1JA5 Q . 2.54 -2.69 16.66
C14 A1JA5 Q . 0.11 -0.88 18.84
C2 A1JA5 Q . 4.17 -5.80 10.31
C23 A1JA5 Q . 2.01 -0.27 17.11
C25 A1JA5 Q . 5.17 -1.70 14.13
C29 A1JA5 Q . 9.00 -2.76 16.07
C3 A1JA5 Q . 2.88 -6.13 9.97
C30 A1JA5 Q . 10.15 -1.78 15.90
C31 A1JA5 Q . 11.46 -2.43 16.29
C33 A1JA5 Q . 13.79 -1.91 16.54
C34 A1JA5 Q . 14.87 -0.83 16.61
C39 A1JA5 Q . 10.18 -1.30 14.45
C40 A1JA5 Q . 8.85 -0.61 14.13
C41 A1JA5 Q . 4.81 -2.50 13.05
C42 A1JA5 Q . 4.44 -4.88 11.30
C9 A1JA5 Q . 2.95 -3.34 14.27
F35 A1JA5 Q . 14.40 0.39 16.61
F36 A1JA5 Q . 15.68 -0.93 15.59
F37 A1JA5 Q . 15.59 -0.97 17.68
N27 A1JA5 Q . 7.68 -1.53 14.37
N32 A1JA5 Q . 12.56 -1.48 16.36
O38 A1JA5 Q . 14.11 -3.08 16.62
CL1 A1JA5 Q . 5.50 -6.56 9.47
CL5 A1JA5 Q . 0.21 -5.91 10.26
H6 A1JA5 Q . 1.33 -4.16 12.10
H13B A1JA5 Q . -0.12 -2.62 17.70
H13A A1JA5 Q . 1.16 -2.67 18.61
H22A A1JA5 Q . 1.22 1.58 17.64
H22B A1JA5 Q . 0.67 1.07 16.25
H24 A1JA5 Q . 4.64 -1.16 16.04
H26A A1JA5 Q . 6.29 -0.07 14.67
H26B A1JA5 Q . 6.47 -0.44 13.14
H28A A1JA5 Q . 7.54 -1.30 16.37
H28B A1JA5 Q . 6.93 -2.68 15.84
H11A A1JA5 Q . 2.10 -3.56 16.72
H11B A1JA5 Q . 3.15 -2.61 17.42
H14A A1JA5 Q . 0.83 -0.57 19.43
H14B A1JA5 Q . -0.62 -1.18 19.42
H23A A1JA5 Q . 2.63 -0.08 16.37
H23B A1JA5 Q . 2.51 -0.29 17.95
H29A A1JA5 Q . 9.12 -3.54 15.48
H29B A1JA5 Q . 8.99 -3.12 16.99
H3 A1JA5 Q . 2.69 -6.79 9.26
H30 A1JA5 Q . 10.00 -1.01 16.48
H31B A1JA5 Q . 11.69 -3.12 15.65
H31A A1JA5 Q . 11.36 -2.84 17.18
H39B A1JA5 Q . 10.31 -2.05 13.84
H39A A1JA5 Q . 10.92 -0.68 14.31
H40A A1JA5 Q . 8.75 0.19 14.70
H40B A1JA5 Q . 8.85 -0.32 13.20
H41 A1JA5 Q . 5.34 -2.49 12.22
H42 A1JA5 Q . 5.38 -4.67 11.51
H9 A1JA5 Q . 2.16 -3.93 14.31
H32 A1JA5 Q . 12.43 -0.61 16.29
HN12 A1JA5 Q . 0.96 -1.60 16.16
HN27 A1JA5 Q . 7.78 -2.22 13.82
#